data_7UO5
#
_entry.id   7UO5
#
_cell.length_a   1.00
_cell.length_b   1.00
_cell.length_c   1.00
_cell.angle_alpha   90.00
_cell.angle_beta   90.00
_cell.angle_gamma   90.00
#
_symmetry.space_group_name_H-M   'P 1'
#
loop_
_entity.id
_entity.type
_entity.pdbx_description
1 polymer 'Ribonuclease P protein component'
2 polymer 'RNase P RNA'
3 non-polymer 'CALCIUM ION'
#
loop_
_entity_poly.entity_id
_entity_poly.type
_entity_poly.pdbx_seq_one_letter_code
_entity_poly.pdbx_strand_id
1 'polypeptide(L)'
;KLAFPRELRLLTPSQFTFVFQQPQRAGTPQITILGRLNSLGHPRIGLTVAKKNVRRAHERNRIKRLTRESFRLRQHELPA
MDFVVVAKKGVADLDNRALSEALEKLWRRHCR
;
A
2 'polyribonucleotide'
;GAAGCUGACCAGACAGUCGCCGCUUCGUCGUCGUCCUCUUCGGGGGAGACGGGCGGAGGGGAGGAAAGUCCGGGCUCCAU
AGGGCAGGGUGCCAGGUAACGCCUGGGGGGGAAACCCACGACCAGUGCAACAGAGAGCAAACCGCCGAUGGCCCGCGCAA
GCGGGAUCAGGUAAGGGUGAAAGGGUGCGGUAAGAGCGCACCGCGCGGCUGGUAACAGUCCGUGGCACGGUAAACUCCAC
CCGGAGCAAGGCCAAAUAGGGGUUCAUAAGGUACGGCCCGUACUGAACCCGGGUAGGCUGCUUGAGCCAGUGAGCGAUUG
CUGGCCUAGAUGAAUGACUGUCCACGACAGAACCCGGCUUAUCGGUCAGUUUC
;
B
#
# COMPACT_ATOMS: atom_id res chain seq x y z
N LYS A 1 -0.77 -6.83 19.57
CA LYS A 1 -1.89 -6.02 19.08
C LYS A 1 -1.82 -5.83 17.56
N LEU A 2 -2.96 -5.55 16.90
CA LEU A 2 -3.08 -5.28 15.46
C LEU A 2 -3.89 -4.01 15.15
N ALA A 3 -3.73 -2.97 15.98
CA ALA A 3 -4.26 -1.64 15.70
C ALA A 3 -3.57 -0.98 14.50
N PHE A 4 -4.13 0.12 14.01
CA PHE A 4 -3.63 0.90 12.86
C PHE A 4 -3.71 2.39 13.19
N PRO A 5 -2.74 2.90 13.98
CA PRO A 5 -2.81 4.22 14.56
C PRO A 5 -2.41 5.31 13.57
N ARG A 6 -2.79 6.56 13.85
CA ARG A 6 -2.45 7.71 13.01
C ARG A 6 -0.94 7.84 12.80
N GLU A 7 -0.18 7.52 13.84
CA GLU A 7 1.28 7.41 13.84
C GLU A 7 1.87 6.45 12.79
N LEU A 8 1.07 5.57 12.20
CA LEU A 8 1.49 4.60 11.19
C LEU A 8 1.20 5.03 9.73
N ARG A 9 0.54 6.17 9.54
CA ARG A 9 0.15 6.73 8.24
C ARG A 9 1.11 7.84 7.77
N LEU A 10 1.50 7.84 6.49
CA LEU A 10 2.32 8.91 5.89
C LEU A 10 1.46 10.15 5.62
N LEU A 11 1.16 10.93 6.65
CA LEU A 11 0.20 12.04 6.61
C LEU A 11 0.52 13.22 5.68
N THR A 12 1.76 13.46 5.25
CA THR A 12 2.14 14.72 4.55
C THR A 12 2.91 14.51 3.24
N PRO A 13 2.77 15.40 2.23
CA PRO A 13 3.28 15.18 0.88
C PRO A 13 4.78 14.96 0.82
N SER A 14 5.57 15.63 1.67
CA SER A 14 7.00 15.38 1.78
C SER A 14 7.31 13.90 2.03
N GLN A 15 6.56 13.23 2.89
CA GLN A 15 6.76 11.83 3.22
C GLN A 15 6.54 10.91 2.01
N PHE A 16 5.60 11.25 1.12
CA PHE A 16 5.49 10.57 -0.18
C PHE A 16 6.73 10.83 -1.04
N THR A 17 7.17 12.09 -1.15
CA THR A 17 8.32 12.42 -1.99
C THR A 17 9.57 11.64 -1.56
N PHE A 18 9.80 11.43 -0.27
CA PHE A 18 11.00 10.73 0.21
C PHE A 18 11.12 9.32 -0.37
N VAL A 19 10.06 8.54 -0.29
CA VAL A 19 10.08 7.16 -0.80
C VAL A 19 10.20 7.12 -2.32
N PHE A 20 9.65 8.10 -3.05
CA PHE A 20 9.87 8.23 -4.49
C PHE A 20 11.34 8.57 -4.87
N GLN A 21 12.18 9.09 -3.97
CA GLN A 21 13.59 9.37 -4.29
C GLN A 21 14.46 8.10 -4.37
N GLN A 22 14.06 7.01 -3.72
CA GLN A 22 14.89 5.82 -3.53
C GLN A 22 14.11 4.48 -3.41
N PRO A 23 13.02 4.27 -4.17
CA PRO A 23 12.10 3.17 -3.90
C PRO A 23 12.68 1.80 -4.27
N GLN A 24 12.52 0.82 -3.38
CA GLN A 24 12.42 -0.59 -3.76
C GLN A 24 10.98 -0.83 -4.28
N ARG A 25 10.81 -1.61 -5.36
CA ARG A 25 9.57 -1.65 -6.15
C ARG A 25 9.07 -3.08 -6.38
N ALA A 26 7.77 -3.30 -6.24
CA ALA A 26 7.08 -4.54 -6.61
C ALA A 26 5.66 -4.25 -7.11
N GLY A 27 5.21 -4.93 -8.17
CA GLY A 27 3.88 -4.67 -8.74
C GLY A 27 3.44 -5.66 -9.81
N THR A 28 2.12 -5.75 -9.97
CA THR A 28 1.41 -6.53 -11.00
C THR A 28 1.04 -5.61 -12.18
N PRO A 29 0.37 -6.12 -13.22
CA PRO A 29 -0.24 -5.27 -14.25
C PRO A 29 -1.30 -4.27 -13.73
N GLN A 30 -1.80 -4.41 -12.50
CA GLN A 30 -2.91 -3.63 -11.95
C GLN A 30 -2.54 -2.82 -10.69
N ILE A 31 -1.70 -3.35 -9.80
CA ILE A 31 -1.43 -2.75 -8.48
C ILE A 31 0.07 -2.74 -8.21
N THR A 32 0.60 -1.71 -7.54
CA THR A 32 2.05 -1.61 -7.30
C THR A 32 2.41 -0.94 -5.96
N ILE A 33 3.57 -1.31 -5.45
CA ILE A 33 4.11 -1.00 -4.12
C ILE A 33 5.54 -0.48 -4.25
N LEU A 34 5.81 0.61 -3.53
CA LEU A 34 7.13 1.22 -3.39
C LEU A 34 7.50 1.30 -1.91
N GLY A 35 8.78 1.15 -1.56
CA GLY A 35 9.22 1.38 -0.18
C GLY A 35 10.70 1.64 0.02
N ARG A 36 11.05 2.39 1.08
CA ARG A 36 12.42 2.62 1.55
C ARG A 36 12.57 2.24 3.03
N LEU A 37 13.74 1.78 3.47
CA LEU A 37 14.00 1.56 4.90
C LEU A 37 13.87 2.88 5.68
N ASN A 38 13.52 2.79 6.96
CA ASN A 38 13.31 3.95 7.83
C ASN A 38 13.80 3.69 9.27
N SER A 39 14.14 4.74 10.00
CA SER A 39 14.73 4.68 11.34
C SER A 39 13.72 4.52 12.48
N LEU A 40 12.42 4.64 12.21
CA LEU A 40 11.35 4.61 13.22
C LEU A 40 11.16 3.24 13.90
N GLY A 41 11.73 2.16 13.35
CA GLY A 41 11.72 0.81 13.94
C GLY A 41 10.43 -0.01 13.73
N HIS A 42 9.45 0.52 12.99
CA HIS A 42 8.24 -0.18 12.54
C HIS A 42 7.86 0.25 11.12
N PRO A 43 7.07 -0.54 10.36
CA PRO A 43 6.56 -0.13 9.06
C PRO A 43 5.69 1.14 9.09
N ARG A 44 5.41 1.74 7.93
CA ARG A 44 4.35 2.75 7.70
C ARG A 44 3.81 2.63 6.28
N ILE A 45 2.62 3.18 6.00
CA ILE A 45 2.03 3.17 4.65
C ILE A 45 1.33 4.49 4.32
N GLY A 46 1.29 4.83 3.04
CA GLY A 46 0.48 5.91 2.48
C GLY A 46 -0.22 5.45 1.21
N LEU A 47 -1.46 5.91 1.03
CA LEU A 47 -2.32 5.52 -0.08
C LEU A 47 -2.43 6.65 -1.10
N THR A 48 -2.26 6.36 -2.39
CA THR A 48 -2.88 7.23 -3.40
C THR A 48 -3.42 6.41 -4.57
N VAL A 49 -4.68 6.67 -4.92
CA VAL A 49 -5.35 6.06 -6.08
C VAL A 49 -5.88 7.18 -6.98
N ALA A 50 -5.47 7.14 -8.25
CA ALA A 50 -5.77 8.20 -9.19
C ALA A 50 -7.22 8.13 -9.67
N LYS A 51 -7.94 9.25 -9.59
CA LYS A 51 -9.29 9.42 -10.17
C LYS A 51 -9.34 9.09 -11.67
N LYS A 52 -8.21 9.22 -12.37
CA LYS A 52 -8.01 8.78 -13.76
C LYS A 52 -8.11 7.27 -13.96
N ASN A 53 -7.64 6.48 -12.98
CA ASN A 53 -7.68 5.02 -13.02
C ASN A 53 -8.95 4.42 -12.40
N VAL A 54 -9.57 5.12 -11.45
CA VAL A 54 -10.72 4.60 -10.69
C VAL A 54 -11.74 5.71 -10.45
N ARG A 55 -12.72 5.83 -11.36
CA ARG A 55 -13.82 6.80 -11.30
C ARG A 55 -14.93 6.35 -10.33
N ARG A 56 -15.72 7.31 -9.84
CA ARG A 56 -16.82 7.19 -8.86
C ARG A 56 -16.37 6.84 -7.43
N ALA A 57 -16.88 7.60 -6.46
CA ALA A 57 -16.39 7.65 -5.08
C ALA A 57 -16.72 6.45 -4.20
N HIS A 58 -17.66 5.58 -4.58
CA HIS A 58 -17.94 4.33 -3.85
C HIS A 58 -16.83 3.32 -4.14
N GLU A 59 -16.41 3.22 -5.39
CA GLU A 59 -15.08 2.73 -5.74
C GLU A 59 -14.02 3.73 -5.28
N ARG A 60 -12.73 3.36 -5.34
CA ARG A 60 -11.65 3.99 -4.55
C ARG A 60 -11.83 3.75 -3.06
N ASN A 61 -12.92 4.17 -2.43
CA ASN A 61 -13.20 3.91 -1.02
C ASN A 61 -13.12 2.42 -0.70
N ARG A 62 -13.63 1.56 -1.56
CA ARG A 62 -13.43 0.11 -1.43
C ARG A 62 -11.96 -0.31 -1.45
N ILE A 63 -11.13 0.30 -2.30
CA ILE A 63 -9.72 -0.09 -2.44
C ILE A 63 -8.91 0.40 -1.24
N LYS A 64 -9.25 1.57 -0.69
CA LYS A 64 -8.73 2.03 0.61
C LYS A 64 -9.11 1.04 1.71
N ARG A 65 -10.39 0.76 1.90
CA ARG A 65 -10.92 -0.14 2.95
C ARG A 65 -10.25 -1.51 2.91
N LEU A 66 -10.10 -2.12 1.74
CA LEU A 66 -9.46 -3.43 1.64
C LEU A 66 -7.94 -3.38 1.80
N THR A 67 -7.25 -2.37 1.28
CA THR A 67 -5.79 -2.33 1.37
C THR A 67 -5.28 -1.87 2.75
N ARG A 68 -5.95 -0.93 3.43
CA ARG A 68 -5.69 -0.58 4.83
C ARG A 68 -5.76 -1.81 5.74
N GLU A 69 -6.77 -2.66 5.53
CA GLU A 69 -6.92 -3.92 6.26
C GLU A 69 -5.73 -4.86 6.02
N SER A 70 -5.40 -5.19 4.78
CA SER A 70 -4.35 -6.19 4.50
C SER A 70 -2.96 -5.76 4.94
N PHE A 71 -2.71 -4.46 5.13
CA PHE A 71 -1.52 -3.98 5.82
C PHE A 71 -1.53 -4.34 7.31
N ARG A 72 -2.49 -3.85 8.10
CA ARG A 72 -2.44 -4.04 9.56
C ARG A 72 -2.52 -5.51 9.98
N LEU A 73 -3.23 -6.35 9.24
CA LEU A 73 -3.28 -7.81 9.50
C LEU A 73 -1.98 -8.56 9.13
N ARG A 74 -0.90 -7.84 8.80
CA ARG A 74 0.42 -8.41 8.48
C ARG A 74 1.58 -7.64 9.14
N GLN A 75 1.24 -6.71 10.04
CA GLN A 75 2.07 -5.62 10.54
C GLN A 75 3.45 -6.02 11.08
N HIS A 76 3.55 -7.18 11.74
CA HIS A 76 4.79 -7.63 12.38
C HIS A 76 5.69 -8.51 11.48
N GLU A 77 5.31 -8.79 10.23
CA GLU A 77 5.99 -9.81 9.39
C GLU A 77 6.87 -9.28 8.24
N LEU A 78 7.05 -7.96 8.16
CA LEU A 78 7.84 -7.27 7.13
C LEU A 78 8.70 -6.15 7.77
N PRO A 79 9.86 -5.77 7.19
CA PRO A 79 10.80 -4.84 7.81
C PRO A 79 10.24 -3.43 7.97
N ALA A 80 10.89 -2.60 8.78
CA ALA A 80 10.47 -1.25 9.18
C ALA A 80 10.57 -0.17 8.07
N MET A 81 10.04 -0.50 6.90
CA MET A 81 9.94 0.35 5.72
C MET A 81 9.00 1.54 5.91
N ASP A 82 9.11 2.56 5.05
CA ASP A 82 7.99 3.41 4.70
C ASP A 82 7.52 2.98 3.31
N PHE A 83 6.22 2.72 3.14
CA PHE A 83 5.61 2.19 1.93
C PHE A 83 4.63 3.17 1.28
N VAL A 84 4.53 3.11 -0.04
CA VAL A 84 3.44 3.73 -0.82
C VAL A 84 2.82 2.67 -1.72
N VAL A 85 1.49 2.72 -1.83
CA VAL A 85 0.68 1.85 -2.69
C VAL A 85 -0.16 2.67 -3.66
N VAL A 86 -0.09 2.31 -4.95
CA VAL A 86 -0.82 3.02 -6.02
C VAL A 86 -1.49 2.08 -7.02
N ALA A 87 -2.71 2.45 -7.41
CA ALA A 87 -3.57 1.71 -8.33
C ALA A 87 -3.35 2.13 -9.79
N LYS A 88 -3.00 1.18 -10.66
CA LYS A 88 -3.00 1.35 -12.12
C LYS A 88 -4.45 1.29 -12.67
N LYS A 89 -4.65 1.47 -13.98
CA LYS A 89 -5.98 1.48 -14.63
C LYS A 89 -6.82 0.20 -14.40
N GLY A 90 -6.17 -0.97 -14.33
CA GLY A 90 -6.83 -2.29 -14.37
C GLY A 90 -7.43 -2.87 -13.08
N VAL A 91 -7.49 -2.15 -11.96
CA VAL A 91 -8.00 -2.70 -10.67
C VAL A 91 -9.53 -2.68 -10.54
N ALA A 92 -10.23 -1.76 -11.18
CA ALA A 92 -11.53 -1.27 -10.71
C ALA A 92 -12.70 -2.28 -10.78
N ASP A 93 -12.48 -3.46 -11.35
CA ASP A 93 -13.48 -4.54 -11.43
C ASP A 93 -13.07 -5.81 -10.67
N LEU A 94 -11.90 -5.87 -10.03
CA LEU A 94 -11.49 -7.02 -9.21
C LEU A 94 -12.32 -7.07 -7.93
N ASP A 95 -12.98 -8.21 -7.68
CA ASP A 95 -13.73 -8.48 -6.45
C ASP A 95 -12.82 -8.44 -5.19
N ASN A 96 -13.42 -8.43 -4.00
CA ASN A 96 -12.64 -8.29 -2.76
C ASN A 96 -11.60 -9.40 -2.62
N ARG A 97 -11.97 -10.64 -2.94
CA ARG A 97 -11.05 -11.77 -2.99
C ARG A 97 -9.90 -11.51 -3.96
N ALA A 98 -10.16 -10.95 -5.13
CA ALA A 98 -9.17 -10.78 -6.20
C ALA A 98 -8.09 -9.73 -5.88
N LEU A 99 -8.38 -8.70 -5.09
CA LEU A 99 -7.31 -7.89 -4.50
C LEU A 99 -6.55 -8.71 -3.46
N SER A 100 -7.25 -9.30 -2.50
CA SER A 100 -6.62 -9.95 -1.35
C SER A 100 -5.70 -11.12 -1.72
N GLU A 101 -6.05 -11.92 -2.71
CA GLU A 101 -5.19 -13.00 -3.22
C GLU A 101 -3.89 -12.49 -3.84
N ALA A 102 -3.88 -11.26 -4.35
CA ALA A 102 -2.74 -10.64 -5.01
C ALA A 102 -1.80 -9.98 -4.01
N LEU A 103 -2.33 -9.15 -3.10
CA LEU A 103 -1.53 -8.43 -2.10
C LEU A 103 -0.62 -9.36 -1.27
N GLU A 104 -1.06 -10.57 -0.94
CA GLU A 104 -0.20 -11.57 -0.30
C GLU A 104 0.98 -11.95 -1.19
N LYS A 105 0.73 -12.44 -2.42
CA LYS A 105 1.82 -12.87 -3.31
C LYS A 105 2.73 -11.71 -3.74
N LEU A 106 2.21 -10.48 -3.71
CA LEU A 106 2.96 -9.25 -3.86
C LEU A 106 3.90 -9.01 -2.67
N TRP A 107 3.42 -9.04 -1.43
CA TRP A 107 4.30 -8.93 -0.27
C TRP A 107 5.29 -10.08 -0.13
N ARG A 108 4.99 -11.27 -0.64
CA ARG A 108 5.97 -12.37 -0.76
C ARG A 108 7.19 -12.02 -1.62
N ARG A 109 7.15 -10.98 -2.45
CA ARG A 109 8.32 -10.48 -3.20
C ARG A 109 9.32 -9.72 -2.32
N HIS A 110 8.91 -9.23 -1.15
CA HIS A 110 9.74 -8.38 -0.28
C HIS A 110 10.73 -9.19 0.59
N CYS A 111 11.53 -10.03 -0.04
CA CYS A 111 12.66 -10.74 0.56
C CYS A 111 13.86 -9.79 0.76
N ARG A 112 13.85 -8.97 1.83
CA ARG A 112 14.90 -7.98 2.15
C ARG A 112 15.35 -8.10 3.61
#